data_3KEC
#
_entry.id   3KEC
#
_cell.length_a   133.209
_cell.length_b   72.348
_cell.length_c   36.356
_cell.angle_alpha   90.00
_cell.angle_beta   90.00
_cell.angle_gamma   90.00
#
_symmetry.space_group_name_H-M   'P 21 21 2'
#
loop_
_entity.id
_entity.type
_entity.pdbx_description
1 polymer 'Collagenase 3'
2 non-polymer 'ZINC ION'
3 non-polymer 'CALCIUM ION'
4 non-polymer 'SULFATE ION'
5 non-polymer '4-{[({3-[2-(4-methoxybenzyl)-2H-tetrazol-5-yl]phenyl}carbonyl)amino]methyl}benzoic acid'
6 non-polymer 'ACETOHYDROXAMIC ACID'
7 water water
#
_entity_poly.entity_id   1
_entity_poly.type   'polypeptide(L)'
_entity_poly.pdbx_seq_one_letter_code
;YNVFPRTLKWSKMNLTYRIVNYTPDMTHSEVEKAFKKAFKVWSDVTPLNFTRLHDGIADIMISFGIKEHGDFYPFDGPSG
LLAHAFPPGPNYGGDAHFDDDETWTSSSKGYNLFLVAAHEFGHSLGLDHSKDPGALMFPIYTYTGKSHFMLPDDDVQGIQ
SLYGPGD
;
_entity_poly.pdbx_strand_id   A,B
#
# COMPACT_ATOMS: atom_id res chain seq x y z
N TYR A 1 13.26 -11.20 12.46
CA TYR A 1 12.87 -10.71 11.10
C TYR A 1 11.36 -10.69 10.93
N ASN A 2 10.89 -9.90 9.97
CA ASN A 2 9.47 -9.88 9.59
C ASN A 2 9.31 -9.91 8.08
N VAL A 3 8.27 -10.59 7.60
CA VAL A 3 7.91 -10.58 6.17
C VAL A 3 6.59 -9.84 5.99
N PHE A 4 6.37 -9.29 4.81
CA PHE A 4 5.10 -8.62 4.54
C PHE A 4 3.95 -9.63 4.66
N PRO A 5 2.78 -9.18 5.16
CA PRO A 5 1.60 -10.05 5.19
C PRO A 5 1.13 -10.40 3.79
N ARG A 6 0.63 -11.62 3.60
CA ARG A 6 0.11 -12.07 2.30
C ARG A 6 -1.27 -11.50 1.91
N THR A 7 -2.17 -11.38 2.90
CA THR A 7 -3.54 -10.92 2.64
C THR A 7 -3.67 -9.41 2.94
N LEU A 8 -4.32 -8.68 2.03
CA LEU A 8 -4.67 -7.29 2.32
C LEU A 8 -5.89 -7.25 3.24
N LYS A 9 -5.60 -7.24 4.54
CA LYS A 9 -6.62 -7.13 5.59
C LYS A 9 -6.04 -6.32 6.74
N TRP A 10 -6.92 -5.85 7.64
CA TRP A 10 -6.45 -5.20 8.86
C TRP A 10 -6.04 -6.27 9.86
N SER A 11 -4.86 -6.12 10.45
CA SER A 11 -4.37 -7.04 11.47
C SER A 11 -4.76 -6.60 12.89
N LYS A 12 -5.68 -5.65 12.99
CA LYS A 12 -6.25 -5.21 14.27
C LYS A 12 -7.75 -5.10 14.12
N MET A 13 -8.48 -5.37 15.20
CA MET A 13 -9.96 -5.43 15.14
C MET A 13 -10.64 -4.10 15.47
N ASN A 14 -9.89 -3.18 16.06
CA ASN A 14 -10.43 -1.87 16.46
C ASN A 14 -9.85 -0.76 15.59
N LEU A 15 -10.65 -0.29 14.64
CA LEU A 15 -10.23 0.63 13.59
C LEU A 15 -10.84 2.01 13.77
N THR A 16 -10.17 3.02 13.24
CA THR A 16 -10.63 4.40 13.37
C THR A 16 -10.91 5.01 12.00
N TYR A 17 -11.84 5.97 11.98
CA TYR A 17 -12.07 6.79 10.81
C TYR A 17 -12.19 8.27 11.15
N ARG A 18 -12.00 9.10 10.14
CA ARG A 18 -12.09 10.56 10.31
C ARG A 18 -12.66 11.21 9.06
N ILE A 19 -13.65 12.07 9.27
CA ILE A 19 -14.25 12.86 8.20
C ILE A 19 -13.43 14.16 8.06
N VAL A 20 -12.62 14.22 7.01
CA VAL A 20 -11.70 15.33 6.78
C VAL A 20 -12.42 16.58 6.26
N ASN A 21 -13.44 16.37 5.46
CA ASN A 21 -14.31 17.48 5.02
C ASN A 21 -15.70 16.95 4.66
N TYR A 22 -16.62 17.86 4.34
CA TYR A 22 -18.02 17.50 4.20
C TYR A 22 -18.60 18.01 2.88
N THR A 23 -19.64 17.32 2.40
CA THR A 23 -20.38 17.73 1.21
C THR A 23 -21.37 18.89 1.51
N PRO A 24 -21.64 19.76 0.50
CA PRO A 24 -22.69 20.78 0.65
C PRO A 24 -24.12 20.20 0.74
N ASP A 25 -24.31 18.98 0.26
CA ASP A 25 -25.64 18.45 0.01
C ASP A 25 -26.40 18.01 1.24
N MET A 26 -25.65 17.68 2.30
CA MET A 26 -26.20 17.14 3.53
C MET A 26 -25.58 17.87 4.73
N THR A 27 -26.26 17.84 5.88
CA THR A 27 -25.72 18.42 7.11
C THR A 27 -24.54 17.57 7.59
N HIS A 28 -23.76 18.10 8.53
CA HIS A 28 -22.70 17.30 9.18
C HIS A 28 -23.29 16.04 9.80
N SER A 29 -24.38 16.24 10.53
CA SER A 29 -25.04 15.15 11.24
C SER A 29 -25.46 14.02 10.31
N GLU A 30 -26.07 14.37 9.18
CA GLU A 30 -26.56 13.40 8.19
C GLU A 30 -25.41 12.61 7.58
N VAL A 31 -24.31 13.30 7.29
CA VAL A 31 -23.11 12.64 6.78
C VAL A 31 -22.51 11.70 7.84
N GLU A 32 -22.41 12.19 9.08
CA GLU A 32 -21.88 11.39 10.19
C GLU A 32 -22.71 10.13 10.44
N LYS A 33 -24.04 10.26 10.37
CA LYS A 33 -24.96 9.15 10.59
C LYS A 33 -24.88 8.11 9.46
N ALA A 34 -24.77 8.58 8.22
CA ALA A 34 -24.61 7.70 7.05
C ALA A 34 -23.37 6.80 7.19
N PHE A 35 -22.24 7.40 7.58
CA PHE A 35 -20.99 6.67 7.75
C PHE A 35 -21.01 5.70 8.94
N LYS A 36 -21.65 6.12 10.04
CA LYS A 36 -21.83 5.25 11.20
C LYS A 36 -22.65 4.01 10.83
N LYS A 37 -23.75 4.22 10.10
CA LYS A 37 -24.59 3.12 9.62
C LYS A 37 -23.85 2.20 8.65
N ALA A 38 -23.06 2.81 7.75
CA ALA A 38 -22.27 2.04 6.76
C ALA A 38 -21.26 1.12 7.45
N PHE A 39 -20.59 1.62 8.48
CA PHE A 39 -19.64 0.81 9.24
C PHE A 39 -20.34 -0.29 10.05
N LYS A 40 -21.55 0.00 10.56
CA LYS A 40 -22.31 -0.99 11.32
C LYS A 40 -22.69 -2.20 10.48
N VAL A 41 -22.91 -1.99 9.17
CA VAL A 41 -23.14 -3.08 8.23
C VAL A 41 -22.05 -4.16 8.33
N TRP A 42 -20.79 -3.72 8.45
CA TRP A 42 -19.66 -4.64 8.47
C TRP A 42 -19.36 -5.15 9.88
N SER A 43 -19.51 -4.30 10.89
CA SER A 43 -19.27 -4.71 12.27
C SER A 43 -20.32 -5.71 12.78
N ASP A 44 -21.53 -5.65 12.21
CA ASP A 44 -22.59 -6.59 12.56
C ASP A 44 -22.25 -8.05 12.22
N VAL A 45 -21.38 -8.27 11.24
CA VAL A 45 -21.05 -9.62 10.78
C VAL A 45 -19.56 -10.02 10.92
N THR A 46 -18.77 -9.17 11.58
CA THR A 46 -17.34 -9.42 11.83
C THR A 46 -16.98 -9.04 13.27
N PRO A 47 -15.76 -9.39 13.73
CA PRO A 47 -15.30 -8.89 15.03
C PRO A 47 -14.80 -7.43 15.02
N LEU A 48 -14.87 -6.76 13.87
CA LEU A 48 -14.36 -5.41 13.72
C LEU A 48 -15.20 -4.37 14.45
N ASN A 49 -14.51 -3.37 15.02
CA ASN A 49 -15.13 -2.22 15.69
C ASN A 49 -14.62 -0.92 15.08
N PHE A 50 -15.46 0.13 15.09
CA PHE A 50 -15.13 1.38 14.41
C PHE A 50 -15.37 2.61 15.30
N THR A 51 -14.36 3.48 15.39
CA THR A 51 -14.42 4.70 16.20
C THR A 51 -14.11 5.91 15.31
N ARG A 52 -14.90 6.97 15.46
CA ARG A 52 -14.65 8.20 14.72
C ARG A 52 -13.73 9.13 15.50
N LEU A 53 -12.75 9.69 14.80
CA LEU A 53 -11.85 10.69 15.35
C LEU A 53 -12.11 12.06 14.70
N HIS A 54 -11.90 13.12 15.48
CA HIS A 54 -12.10 14.49 15.03
C HIS A 54 -10.80 15.20 14.63
N ASP A 55 -9.66 14.55 14.82
CA ASP A 55 -8.35 15.10 14.46
C ASP A 55 -7.38 13.94 14.23
N GLY A 56 -6.16 14.26 13.82
CA GLY A 56 -5.11 13.26 13.66
C GLY A 56 -5.28 12.39 12.44
N ILE A 57 -4.53 11.29 12.43
CA ILE A 57 -4.57 10.32 11.33
C ILE A 57 -5.40 9.11 11.78
N ALA A 58 -6.53 8.89 11.14
CA ALA A 58 -7.32 7.69 11.37
C ALA A 58 -6.89 6.64 10.37
N ASP A 59 -7.20 5.38 10.65
CA ASP A 59 -6.90 4.31 9.70
C ASP A 59 -7.60 4.64 8.37
N ILE A 60 -8.88 4.95 8.47
CA ILE A 60 -9.70 5.26 7.30
C ILE A 60 -9.99 6.76 7.25
N MET A 61 -9.25 7.45 6.37
CA MET A 61 -9.43 8.89 6.19
C MET A 61 -10.46 9.14 5.08
N ILE A 62 -11.53 9.83 5.43
CA ILE A 62 -12.66 10.08 4.52
C ILE A 62 -12.72 11.55 4.06
N SER A 63 -12.82 11.76 2.76
CA SER A 63 -12.96 13.12 2.21
C SER A 63 -13.87 13.19 1.00
N PHE A 64 -14.32 14.41 0.70
CA PHE A 64 -15.07 14.75 -0.50
C PHE A 64 -14.20 15.62 -1.42
N GLY A 65 -14.22 15.32 -2.70
CA GLY A 65 -13.47 16.10 -3.70
C GLY A 65 -14.03 15.88 -5.09
N ILE A 66 -13.51 16.63 -6.07
CA ILE A 66 -13.94 16.52 -7.46
C ILE A 66 -12.72 16.42 -8.38
N LYS A 67 -12.94 15.88 -9.57
CA LYS A 67 -11.93 15.75 -10.62
C LYS A 67 -10.59 15.29 -10.03
N GLU A 68 -9.50 16.02 -10.26
CA GLU A 68 -8.22 15.68 -9.66
C GLU A 68 -8.22 16.13 -8.21
N HIS A 69 -7.96 15.20 -7.29
CA HIS A 69 -8.03 15.50 -5.86
C HIS A 69 -6.88 14.89 -5.04
N GLY A 70 -5.78 14.55 -5.71
CA GLY A 70 -4.52 14.19 -5.06
C GLY A 70 -4.16 12.72 -5.08
N ASP A 71 -4.55 12.01 -6.14
CA ASP A 71 -4.15 10.61 -6.35
C ASP A 71 -4.34 10.23 -7.82
N PHE A 72 -4.14 8.95 -8.16
CA PHE A 72 -4.23 8.51 -9.56
C PHE A 72 -5.67 8.12 -9.96
N TYR A 73 -6.66 8.44 -9.14
CA TYR A 73 -8.05 8.05 -9.38
C TYR A 73 -8.95 9.28 -9.40
N PRO A 74 -8.74 10.16 -10.39
CA PRO A 74 -9.57 11.37 -10.49
C PRO A 74 -11.05 11.04 -10.74
N PHE A 75 -11.91 11.96 -10.31
CA PHE A 75 -13.35 11.81 -10.52
C PHE A 75 -13.77 12.42 -11.86
N ASP A 76 -15.05 12.32 -12.18
CA ASP A 76 -15.53 12.48 -13.54
C ASP A 76 -16.86 13.22 -13.70
N GLY A 77 -17.22 14.06 -12.72
CA GLY A 77 -18.51 14.76 -12.75
C GLY A 77 -19.65 13.85 -12.34
N PRO A 78 -20.91 14.29 -12.53
CA PRO A 78 -22.05 13.47 -12.13
C PRO A 78 -22.04 12.04 -12.70
N SER A 79 -22.53 11.09 -11.90
CA SER A 79 -22.56 9.66 -12.24
C SER A 79 -21.17 9.08 -12.54
N GLY A 80 -21.10 7.95 -13.24
CA GLY A 80 -19.85 7.22 -13.43
C GLY A 80 -19.29 6.82 -12.08
N LEU A 81 -18.02 7.14 -11.86
CA LEU A 81 -17.37 6.90 -10.58
C LEU A 81 -18.04 7.78 -9.51
N LEU A 82 -18.59 7.13 -8.49
CA LEU A 82 -19.27 7.82 -7.39
C LEU A 82 -18.32 8.07 -6.22
N ALA A 83 -17.28 7.25 -6.14
CA ALA A 83 -16.38 7.20 -5.01
C ALA A 83 -15.33 6.13 -5.31
N HIS A 84 -14.22 6.15 -4.55
CA HIS A 84 -13.25 5.05 -4.57
C HIS A 84 -12.58 4.94 -3.21
N ALA A 85 -11.97 3.77 -2.93
CA ALA A 85 -11.28 3.53 -1.66
C ALA A 85 -10.10 2.57 -1.82
N PHE A 86 -9.12 2.72 -0.93
CA PHE A 86 -7.88 1.95 -1.02
C PHE A 86 -7.98 0.68 -0.17
N PRO A 87 -7.32 -0.41 -0.60
CA PRO A 87 -7.26 -1.63 0.22
C PRO A 87 -6.56 -1.40 1.56
N PRO A 88 -6.82 -2.27 2.57
CA PRO A 88 -6.18 -2.13 3.87
C PRO A 88 -4.66 -1.98 3.80
N GLY A 89 -4.11 -1.15 4.68
CA GLY A 89 -2.69 -0.87 4.72
C GLY A 89 -2.39 0.44 5.43
N PRO A 90 -1.10 0.78 5.55
CA PRO A 90 -0.73 2.07 6.14
C PRO A 90 -0.94 3.21 5.15
N ASN A 91 -0.93 4.44 5.66
CA ASN A 91 -1.00 5.65 4.82
C ASN A 91 -2.32 5.71 4.03
N TYR A 92 -2.26 5.65 2.69
CA TYR A 92 -3.46 5.75 1.86
C TYR A 92 -4.38 4.57 2.05
N GLY A 93 -3.81 3.44 2.47
CA GLY A 93 -4.58 2.22 2.69
C GLY A 93 -5.83 2.47 3.51
N GLY A 94 -6.96 1.95 3.06
CA GLY A 94 -8.22 2.12 3.79
C GLY A 94 -8.96 3.42 3.50
N ASP A 95 -8.27 4.43 3.01
CA ASP A 95 -8.90 5.75 2.80
C ASP A 95 -10.00 5.69 1.75
N ALA A 96 -11.03 6.52 1.93
CA ALA A 96 -12.20 6.54 1.06
C ALA A 96 -12.49 7.98 0.59
N HIS A 97 -12.66 8.15 -0.73
CA HIS A 97 -12.92 9.46 -1.33
C HIS A 97 -14.25 9.42 -2.07
N PHE A 98 -15.06 10.46 -1.88
CA PHE A 98 -16.40 10.55 -2.46
C PHE A 98 -16.47 11.74 -3.41
N ASP A 99 -17.12 11.53 -4.55
CA ASP A 99 -17.18 12.52 -5.61
C ASP A 99 -18.23 13.57 -5.26
N ASP A 100 -17.80 14.79 -4.99
CA ASP A 100 -18.75 15.85 -4.63
C ASP A 100 -19.44 16.48 -5.85
N ASP A 101 -19.21 15.94 -7.04
CA ASP A 101 -20.08 16.26 -8.18
C ASP A 101 -21.34 15.39 -8.20
N GLU A 102 -21.45 14.44 -7.27
CA GLU A 102 -22.71 13.71 -7.10
C GLU A 102 -23.69 14.47 -6.23
N THR A 103 -24.98 14.20 -6.42
CA THR A 103 -26.00 14.70 -5.51
C THR A 103 -26.21 13.64 -4.43
N TRP A 104 -25.69 13.92 -3.23
CA TRP A 104 -25.73 12.98 -2.12
C TRP A 104 -27.00 13.17 -1.31
N THR A 105 -27.66 12.06 -1.00
CA THR A 105 -28.90 12.07 -0.23
C THR A 105 -28.92 10.94 0.79
N SER A 106 -29.97 10.94 1.59
CA SER A 106 -30.30 9.81 2.44
C SER A 106 -31.64 9.21 1.99
N SER A 107 -31.84 9.16 0.67
CA SER A 107 -33.09 8.67 0.09
C SER A 107 -32.83 7.97 -1.25
N SER A 108 -33.89 7.73 -2.01
CA SER A 108 -33.75 7.11 -3.35
C SER A 108 -33.37 8.12 -4.45
N LYS A 109 -33.40 9.41 -4.13
CA LYS A 109 -32.96 10.46 -5.07
C LYS A 109 -31.45 10.55 -5.11
N GLY A 110 -30.90 11.01 -6.24
CA GLY A 110 -29.45 11.07 -6.43
C GLY A 110 -28.79 9.76 -6.06
N TYR A 111 -27.71 9.85 -5.29
CA TYR A 111 -27.04 8.66 -4.76
C TYR A 111 -27.10 8.68 -3.23
N ASN A 112 -27.51 7.54 -2.66
CA ASN A 112 -27.65 7.37 -1.22
C ASN A 112 -26.25 7.22 -0.61
N LEU A 113 -25.83 8.19 0.20
CA LEU A 113 -24.46 8.21 0.72
C LEU A 113 -24.15 7.00 1.61
N PHE A 114 -25.09 6.60 2.46
CA PHE A 114 -24.94 5.38 3.27
C PHE A 114 -24.59 4.17 2.39
N LEU A 115 -25.32 4.03 1.28
CA LEU A 115 -25.18 2.88 0.39
C LEU A 115 -23.80 2.86 -0.28
N VAL A 116 -23.40 4.00 -0.83
CA VAL A 116 -22.07 4.12 -1.45
C VAL A 116 -20.97 3.92 -0.41
N ALA A 117 -21.14 4.55 0.76
CA ALA A 117 -20.17 4.41 1.86
C ALA A 117 -20.00 2.94 2.27
N ALA A 118 -21.12 2.23 2.40
CA ALA A 118 -21.11 0.81 2.75
C ALA A 118 -20.29 -0.01 1.74
N HIS A 119 -20.47 0.28 0.46
CA HIS A 119 -19.68 -0.31 -0.63
C HIS A 119 -18.18 0.04 -0.53
N GLU A 120 -17.87 1.33 -0.42
CA GLU A 120 -16.47 1.79 -0.30
C GLU A 120 -15.75 1.23 0.92
N PHE A 121 -16.44 1.18 2.06
CA PHE A 121 -15.82 0.62 3.26
C PHE A 121 -15.55 -0.88 3.12
N GLY A 122 -16.32 -1.55 2.26
CA GLY A 122 -16.02 -2.91 1.83
C GLY A 122 -14.63 -3.00 1.22
N HIS A 123 -14.31 -2.08 0.30
CA HIS A 123 -12.96 -1.98 -0.27
C HIS A 123 -11.93 -1.65 0.80
N SER A 124 -12.25 -0.68 1.66
CA SER A 124 -11.36 -0.30 2.78
C SER A 124 -11.00 -1.48 3.68
N LEU A 125 -11.91 -2.46 3.77
CA LEU A 125 -11.74 -3.64 4.62
C LEU A 125 -11.11 -4.85 3.90
N GLY A 126 -10.95 -4.75 2.58
CA GLY A 126 -10.26 -5.80 1.81
C GLY A 126 -11.05 -6.48 0.71
N LEU A 127 -12.31 -6.06 0.48
CA LEU A 127 -13.14 -6.69 -0.55
C LEU A 127 -13.00 -5.98 -1.90
N ASP A 128 -12.86 -6.77 -2.94
CA ASP A 128 -12.86 -6.28 -4.31
C ASP A 128 -14.32 -6.37 -4.80
N HIS A 129 -14.54 -6.15 -6.10
CA HIS A 129 -15.87 -6.22 -6.67
C HIS A 129 -16.38 -7.65 -6.86
N SER A 130 -17.68 -7.82 -6.61
CA SER A 130 -18.40 -9.06 -6.89
C SER A 130 -18.89 -9.07 -8.33
N LYS A 131 -19.06 -10.27 -8.88
CA LYS A 131 -19.69 -10.47 -10.18
C LYS A 131 -21.20 -10.78 -10.05
N ASP A 132 -21.71 -10.75 -8.82
CA ASP A 132 -23.13 -11.01 -8.53
C ASP A 132 -23.85 -9.67 -8.59
N PRO A 133 -24.80 -9.49 -9.53
CA PRO A 133 -25.53 -8.21 -9.62
C PRO A 133 -26.27 -7.76 -8.35
N GLY A 134 -26.62 -8.70 -7.47
CA GLY A 134 -27.35 -8.40 -6.23
C GLY A 134 -26.48 -8.06 -5.03
N ALA A 135 -25.18 -8.31 -5.16
CA ALA A 135 -24.26 -8.07 -4.05
C ALA A 135 -24.00 -6.57 -3.85
N LEU A 136 -23.76 -6.17 -2.60
CA LEU A 136 -23.39 -4.80 -2.28
C LEU A 136 -22.09 -4.40 -2.98
N MET A 137 -21.17 -5.36 -3.13
CA MET A 137 -19.88 -5.12 -3.81
C MET A 137 -19.90 -5.27 -5.34
N PHE A 138 -21.09 -5.41 -5.94
CA PHE A 138 -21.19 -5.27 -7.40
C PHE A 138 -20.75 -3.83 -7.79
N PRO A 139 -20.03 -3.67 -8.92
CA PRO A 139 -19.47 -2.37 -9.31
C PRO A 139 -20.48 -1.22 -9.48
N ILE A 140 -21.72 -1.56 -9.84
CA ILE A 140 -22.69 -0.56 -10.28
C ILE A 140 -23.84 -0.38 -9.29
N TYR A 141 -24.11 0.88 -8.95
CA TYR A 141 -25.15 1.28 -8.03
C TYR A 141 -26.53 0.92 -8.57
N THR A 142 -27.27 0.12 -7.81
CA THR A 142 -28.57 -0.44 -8.22
C THR A 142 -29.52 -0.50 -7.02
N TYR A 143 -30.03 0.66 -6.64
CA TYR A 143 -30.95 0.82 -5.50
C TYR A 143 -32.16 -0.09 -5.67
N THR A 144 -32.42 -0.94 -4.68
CA THR A 144 -33.52 -1.92 -4.75
C THR A 144 -34.88 -1.29 -4.48
N GLY A 145 -34.90 -0.24 -3.65
CA GLY A 145 -36.15 0.44 -3.28
C GLY A 145 -36.78 -0.14 -2.02
N LYS A 146 -36.20 -1.23 -1.51
CA LYS A 146 -36.77 -1.98 -0.40
C LYS A 146 -36.70 -1.15 0.88
N SER A 147 -37.58 -1.46 1.84
CA SER A 147 -37.76 -0.64 3.03
C SER A 147 -36.51 -0.60 3.91
N HIS A 148 -35.98 -1.77 4.25
CA HIS A 148 -34.82 -1.89 5.14
C HIS A 148 -33.63 -2.54 4.43
N PHE A 149 -32.43 -2.12 4.82
CA PHE A 149 -31.22 -2.66 4.23
C PHE A 149 -30.84 -3.97 4.91
N MET A 150 -30.51 -4.97 4.10
CA MET A 150 -29.96 -6.23 4.58
C MET A 150 -28.74 -6.58 3.74
N LEU A 151 -27.64 -6.92 4.38
CA LEU A 151 -26.39 -7.23 3.67
C LEU A 151 -26.51 -8.57 2.94
N PRO A 152 -26.38 -8.58 1.60
CA PRO A 152 -26.52 -9.87 0.88
C PRO A 152 -25.47 -10.92 1.29
N ASP A 153 -25.84 -12.19 1.18
CA ASP A 153 -25.00 -13.30 1.66
C ASP A 153 -23.62 -13.35 1.01
N ASP A 154 -23.53 -12.92 -0.25
CA ASP A 154 -22.26 -12.89 -0.99
C ASP A 154 -21.24 -11.99 -0.29
N ASP A 155 -21.71 -10.85 0.20
CA ASP A 155 -20.85 -9.89 0.90
C ASP A 155 -20.51 -10.35 2.33
N VAL A 156 -21.45 -11.02 2.99
CA VAL A 156 -21.20 -11.65 4.29
C VAL A 156 -20.10 -12.72 4.14
N GLN A 157 -20.28 -13.61 3.17
CA GLN A 157 -19.27 -14.63 2.85
C GLN A 157 -17.91 -14.00 2.58
N GLY A 158 -17.89 -12.96 1.76
CA GLY A 158 -16.65 -12.28 1.39
C GLY A 158 -15.90 -11.72 2.60
N ILE A 159 -16.60 -10.94 3.42
CA ILE A 159 -15.96 -10.29 4.56
C ILE A 159 -15.55 -11.29 5.65
N GLN A 160 -16.36 -12.33 5.85
CA GLN A 160 -16.03 -13.35 6.84
C GLN A 160 -14.87 -14.24 6.39
N SER A 161 -14.57 -14.25 5.09
CA SER A 161 -13.40 -14.99 4.59
C SER A 161 -12.08 -14.35 5.04
N LEU A 162 -12.14 -13.05 5.33
CA LEU A 162 -10.98 -12.32 5.83
C LEU A 162 -10.92 -12.26 7.36
N TYR A 163 -12.07 -12.06 8.02
CA TYR A 163 -12.10 -11.76 9.46
C TYR A 163 -12.87 -12.77 10.33
N GLY A 164 -13.62 -13.69 9.71
CA GLY A 164 -14.53 -14.56 10.43
C GLY A 164 -15.75 -13.82 10.96
N PRO A 165 -16.64 -14.53 11.69
CA PRO A 165 -17.85 -13.90 12.22
C PRO A 165 -17.57 -13.07 13.48
N GLY A 166 -18.56 -12.28 13.89
CA GLY A 166 -18.47 -11.50 15.12
C GLY A 166 -18.36 -12.38 16.34
N ASP A 167 -19.17 -13.44 16.38
CA ASP A 167 -19.07 -14.46 17.42
C ASP A 167 -19.82 -15.74 17.01
N TYR B 1 -18.23 -13.41 -4.49
CA TYR B 1 -17.38 -12.31 -3.96
C TYR B 1 -15.96 -12.42 -4.46
N ASN B 2 -15.21 -11.32 -4.35
CA ASN B 2 -13.76 -11.33 -4.57
C ASN B 2 -13.03 -10.48 -3.54
N VAL B 3 -11.86 -10.94 -3.13
CA VAL B 3 -10.93 -10.15 -2.32
C VAL B 3 -9.77 -9.73 -3.21
N PHE B 4 -8.96 -8.78 -2.75
CA PHE B 4 -7.86 -8.26 -3.59
C PHE B 4 -6.77 -9.31 -3.78
N PRO B 5 -5.98 -9.20 -4.87
CA PRO B 5 -4.82 -10.07 -5.05
C PRO B 5 -3.93 -10.08 -3.81
N ARG B 6 -3.43 -11.25 -3.45
CA ARG B 6 -2.52 -11.35 -2.31
C ARG B 6 -1.15 -10.81 -2.67
N THR B 7 -0.44 -10.34 -1.65
CA THR B 7 0.94 -9.89 -1.77
C THR B 7 1.87 -11.05 -1.48
N LEU B 8 2.28 -11.76 -2.53
CA LEU B 8 3.06 -12.99 -2.39
C LEU B 8 4.51 -12.80 -2.83
N LYS B 9 5.40 -13.65 -2.32
CA LYS B 9 6.80 -13.66 -2.74
C LYS B 9 6.89 -13.88 -4.26
N TRP B 10 8.03 -13.52 -4.84
CA TRP B 10 8.24 -13.73 -6.27
C TRP B 10 8.13 -15.22 -6.59
N SER B 11 7.35 -15.53 -7.62
CA SER B 11 7.12 -16.92 -8.03
C SER B 11 8.17 -17.41 -9.04
N LYS B 12 9.23 -16.61 -9.25
CA LYS B 12 10.32 -16.98 -10.11
C LYS B 12 11.65 -16.61 -9.43
N MET B 13 12.67 -17.41 -9.70
CA MET B 13 13.99 -17.21 -9.11
C MET B 13 14.83 -16.22 -9.90
N ASN B 14 14.51 -16.05 -11.18
CA ASN B 14 15.22 -15.10 -12.03
C ASN B 14 14.45 -13.81 -12.15
N LEU B 15 15.02 -12.73 -11.61
CA LEU B 15 14.42 -11.41 -11.64
C LEU B 15 15.28 -10.48 -12.49
N THR B 16 14.62 -9.48 -13.09
CA THR B 16 15.32 -8.46 -13.86
C THR B 16 15.29 -7.13 -13.13
N TYR B 17 16.28 -6.30 -13.39
CA TYR B 17 16.27 -4.93 -12.88
C TYR B 17 16.74 -3.94 -13.94
N ARG B 18 16.39 -2.68 -13.75
CA ARG B 18 16.77 -1.61 -14.65
C ARG B 18 17.07 -0.35 -13.86
N ILE B 19 18.22 0.26 -14.14
CA ILE B 19 18.60 1.55 -13.57
C ILE B 19 18.08 2.61 -14.54
N VAL B 20 16.94 3.20 -14.20
CA VAL B 20 16.22 4.12 -15.10
C VAL B 20 16.96 5.45 -15.26
N ASN B 21 17.41 6.01 -14.15
CA ASN B 21 18.23 7.22 -14.18
C ASN B 21 19.31 7.16 -13.11
N TYR B 22 20.15 8.20 -13.07
CA TYR B 22 21.38 8.19 -12.29
C TYR B 22 21.54 9.49 -11.50
N THR B 23 21.92 9.35 -10.24
CA THR B 23 22.27 10.49 -9.40
C THR B 23 23.48 11.26 -9.95
N PRO B 24 23.51 12.59 -9.74
CA PRO B 24 24.73 13.37 -9.98
C PRO B 24 25.87 13.10 -8.99
N ASP B 25 25.56 12.45 -7.85
CA ASP B 25 26.53 12.30 -6.75
C ASP B 25 27.71 11.36 -7.04
N MET B 26 27.53 10.43 -7.96
CA MET B 26 28.53 9.40 -8.25
C MET B 26 28.63 9.19 -9.77
N THR B 27 29.71 8.55 -10.23
CA THR B 27 29.89 8.23 -11.64
C THR B 27 28.89 7.12 -12.00
N HIS B 28 28.57 6.98 -13.29
CA HIS B 28 27.72 5.89 -13.78
C HIS B 28 28.25 4.53 -13.30
N SER B 29 29.56 4.33 -13.43
CA SER B 29 30.18 3.06 -13.05
C SER B 29 30.02 2.77 -11.58
N GLU B 30 30.22 3.78 -10.73
CA GLU B 30 30.04 3.64 -9.27
C GLU B 30 28.60 3.30 -8.91
N VAL B 31 27.64 3.92 -9.57
CA VAL B 31 26.22 3.65 -9.33
C VAL B 31 25.89 2.18 -9.67
N GLU B 32 26.32 1.74 -10.86
CA GLU B 32 26.15 0.36 -11.32
C GLU B 32 26.80 -0.68 -10.39
N LYS B 33 28.03 -0.44 -9.98
CA LYS B 33 28.74 -1.31 -9.03
C LYS B 33 27.98 -1.45 -7.68
N ALA B 34 27.44 -0.35 -7.19
CA ALA B 34 26.70 -0.34 -5.92
C ALA B 34 25.45 -1.22 -6.00
N PHE B 35 24.67 -1.07 -7.06
CA PHE B 35 23.41 -1.83 -7.20
C PHE B 35 23.70 -3.32 -7.44
N LYS B 36 24.72 -3.62 -8.23
CA LYS B 36 25.14 -5.00 -8.50
C LYS B 36 25.52 -5.72 -7.21
N LYS B 37 26.29 -5.05 -6.35
CA LYS B 37 26.69 -5.63 -5.07
C LYS B 37 25.50 -5.80 -4.13
N ALA B 38 24.57 -4.85 -4.19
CA ALA B 38 23.35 -4.89 -3.37
C ALA B 38 22.49 -6.10 -3.70
N PHE B 39 22.36 -6.42 -4.99
CA PHE B 39 21.64 -7.63 -5.40
C PHE B 39 22.39 -8.89 -5.01
N LYS B 40 23.72 -8.83 -5.03
CA LYS B 40 24.56 -9.98 -4.68
C LYS B 40 24.44 -10.34 -3.20
N VAL B 41 24.13 -9.36 -2.35
CA VAL B 41 23.84 -9.63 -0.94
C VAL B 41 22.77 -10.73 -0.80
N TRP B 42 21.73 -10.65 -1.63
CA TRP B 42 20.59 -11.58 -1.53
C TRP B 42 20.77 -12.86 -2.35
N SER B 43 21.41 -12.74 -3.51
CA SER B 43 21.67 -13.92 -4.34
C SER B 43 22.73 -14.86 -3.73
N ASP B 44 23.64 -14.30 -2.92
CA ASP B 44 24.65 -15.07 -2.20
C ASP B 44 24.04 -16.06 -1.20
N VAL B 45 22.84 -15.75 -0.68
CA VAL B 45 22.23 -16.54 0.39
C VAL B 45 20.89 -17.24 0.01
N THR B 46 20.54 -17.17 -1.27
CA THR B 46 19.32 -17.79 -1.83
C THR B 46 19.61 -18.27 -3.26
N PRO B 47 18.64 -18.97 -3.90
CA PRO B 47 18.76 -19.32 -5.32
C PRO B 47 18.33 -18.22 -6.30
N LEU B 48 18.04 -17.02 -5.79
CA LEU B 48 17.66 -15.88 -6.63
C LEU B 48 18.83 -15.40 -7.48
N ASN B 49 18.55 -15.06 -8.74
CA ASN B 49 19.51 -14.42 -9.62
C ASN B 49 18.91 -13.19 -10.27
N PHE B 50 19.77 -12.21 -10.53
CA PHE B 50 19.35 -10.90 -11.01
C PHE B 50 20.10 -10.53 -12.29
N THR B 51 19.34 -10.06 -13.27
CA THR B 51 19.85 -9.68 -14.58
C THR B 51 19.48 -8.22 -14.82
N ARG B 52 20.46 -7.40 -15.21
CA ARG B 52 20.19 -5.99 -15.54
C ARG B 52 19.70 -5.83 -16.97
N LEU B 53 18.62 -5.09 -17.16
CA LEU B 53 18.17 -4.70 -18.50
C LEU B 53 18.52 -3.24 -18.74
N HIS B 54 18.98 -2.92 -19.95
CA HIS B 54 19.33 -1.55 -20.28
C HIS B 54 18.09 -0.72 -20.66
N ASP B 55 17.05 -1.36 -21.16
CA ASP B 55 15.81 -0.70 -21.57
C ASP B 55 14.59 -1.47 -21.08
N GLY B 56 13.42 -0.85 -21.19
CA GLY B 56 12.15 -1.56 -21.08
C GLY B 56 11.68 -1.77 -19.66
N ILE B 57 10.73 -2.68 -19.49
CA ILE B 57 10.12 -2.94 -18.18
C ILE B 57 10.83 -4.12 -17.49
N ALA B 58 11.52 -3.83 -16.39
CA ALA B 58 12.11 -4.86 -15.54
C ALA B 58 11.24 -5.08 -14.30
N ASP B 59 11.45 -6.21 -13.63
CA ASP B 59 10.74 -6.53 -12.39
C ASP B 59 11.02 -5.46 -11.34
N ILE B 60 12.30 -5.12 -11.18
CA ILE B 60 12.74 -4.11 -10.22
C ILE B 60 13.23 -2.86 -10.97
N MET B 61 12.38 -1.86 -11.07
CA MET B 61 12.75 -0.58 -11.71
C MET B 61 13.34 0.35 -10.67
N ILE B 62 14.55 0.84 -10.93
CA ILE B 62 15.32 1.67 -9.99
C ILE B 62 15.45 3.11 -10.49
N SER B 63 15.12 4.07 -9.63
CA SER B 63 15.26 5.47 -10.00
C SER B 63 15.59 6.41 -8.84
N PHE B 64 16.11 7.58 -9.22
CA PHE B 64 16.38 8.68 -8.30
C PHE B 64 15.39 9.80 -8.54
N GLY B 65 15.08 10.53 -7.48
CA GLY B 65 14.11 11.62 -7.56
C GLY B 65 14.12 12.48 -6.32
N ILE B 66 13.50 13.64 -6.42
CA ILE B 66 13.35 14.54 -5.29
C ILE B 66 11.86 14.85 -5.08
N LYS B 67 11.49 15.09 -3.82
CA LYS B 67 10.14 15.49 -3.45
C LYS B 67 9.10 14.58 -4.12
N GLU B 68 8.06 15.14 -4.73
CA GLU B 68 7.06 14.31 -5.44
C GLU B 68 7.64 13.84 -6.77
N HIS B 69 7.71 12.52 -6.93
CA HIS B 69 8.42 11.91 -8.05
C HIS B 69 7.61 10.83 -8.79
N GLY B 70 6.31 10.75 -8.53
CA GLY B 70 5.40 9.96 -9.37
C GLY B 70 4.62 8.82 -8.73
N ASP B 71 4.63 8.74 -7.39
CA ASP B 71 3.86 7.72 -6.68
C ASP B 71 3.04 8.24 -5.48
N PHE B 72 2.96 9.56 -5.33
CA PHE B 72 2.29 10.20 -4.20
C PHE B 72 2.87 9.90 -2.80
N TYR B 73 4.08 9.33 -2.77
CA TYR B 73 4.86 9.20 -1.54
C TYR B 73 6.09 10.08 -1.66
N PRO B 74 5.92 11.40 -1.49
CA PRO B 74 7.04 12.29 -1.77
C PRO B 74 8.20 12.14 -0.79
N PHE B 75 9.43 12.36 -1.28
CA PHE B 75 10.58 12.48 -0.42
C PHE B 75 10.56 13.84 0.27
N ASP B 76 11.51 14.06 1.17
CA ASP B 76 11.40 15.09 2.20
C ASP B 76 12.66 15.97 2.38
N GLY B 77 13.52 16.00 1.37
CA GLY B 77 14.77 16.76 1.48
C GLY B 77 15.86 15.96 2.16
N PRO B 78 16.98 16.61 2.53
CA PRO B 78 18.10 15.90 3.17
C PRO B 78 17.69 15.17 4.45
N SER B 79 18.29 13.99 4.67
CA SER B 79 17.99 13.16 5.83
C SER B 79 16.51 12.72 5.91
N GLY B 80 16.10 12.20 7.06
CA GLY B 80 14.77 11.61 7.20
C GLY B 80 14.61 10.36 6.33
N LEU B 81 13.64 10.41 5.44
CA LEU B 81 13.36 9.34 4.49
C LEU B 81 14.47 9.30 3.44
N LEU B 82 15.14 8.15 3.30
CA LEU B 82 16.28 8.00 2.40
C LEU B 82 15.91 7.40 1.06
N ALA B 83 14.92 6.51 1.08
CA ALA B 83 14.54 5.69 -0.07
C ALA B 83 13.32 4.87 0.34
N HIS B 84 12.62 4.32 -0.64
CA HIS B 84 11.56 3.36 -0.35
C HIS B 84 11.41 2.36 -1.49
N ALA B 85 10.80 1.23 -1.17
CA ALA B 85 10.63 0.13 -2.10
C ALA B 85 9.24 -0.45 -1.93
N PHE B 86 8.72 -1.04 -3.01
CA PHE B 86 7.40 -1.68 -2.98
C PHE B 86 7.58 -3.18 -2.87
N PRO B 87 6.67 -3.86 -2.15
CA PRO B 87 6.72 -5.32 -2.03
C PRO B 87 6.60 -6.03 -3.36
N PRO B 88 6.95 -7.33 -3.42
CA PRO B 88 6.81 -8.08 -4.67
C PRO B 88 5.41 -8.00 -5.28
N GLY B 89 5.36 -7.88 -6.60
CA GLY B 89 4.09 -7.71 -7.31
C GLY B 89 4.33 -7.12 -8.69
N PRO B 90 3.26 -6.99 -9.49
CA PRO B 90 3.37 -6.40 -10.82
C PRO B 90 3.47 -4.87 -10.75
N ASN B 91 3.82 -4.24 -11.88
CA ASN B 91 3.86 -2.79 -11.97
C ASN B 91 4.85 -2.21 -10.95
N TYR B 92 4.42 -1.28 -10.09
CA TYR B 92 5.32 -0.67 -9.10
C TYR B 92 5.92 -1.68 -8.10
N GLY B 93 5.34 -2.87 -8.02
CA GLY B 93 5.84 -3.92 -7.16
C GLY B 93 7.30 -4.22 -7.42
N GLY B 94 8.09 -4.29 -6.35
CA GLY B 94 9.52 -4.55 -6.45
C GLY B 94 10.37 -3.31 -6.72
N ASP B 95 9.75 -2.22 -7.18
CA ASP B 95 10.47 -1.01 -7.57
C ASP B 95 11.07 -0.32 -6.35
N ALA B 96 12.18 0.38 -6.60
CA ALA B 96 12.97 1.01 -5.55
C ALA B 96 13.35 2.43 -5.98
N HIS B 97 13.00 3.41 -5.13
CA HIS B 97 13.28 4.83 -5.40
C HIS B 97 14.22 5.42 -4.34
N PHE B 98 15.18 6.24 -4.79
CA PHE B 98 16.20 6.83 -3.90
C PHE B 98 16.12 8.36 -3.89
N ASP B 99 16.15 8.92 -2.68
CA ASP B 99 15.99 10.37 -2.50
C ASP B 99 17.29 11.07 -2.84
N ASP B 100 17.31 11.79 -3.96
CA ASP B 100 18.53 12.49 -4.41
C ASP B 100 18.79 13.81 -3.67
N ASP B 101 17.94 14.17 -2.72
CA ASP B 101 18.35 15.18 -1.74
C ASP B 101 19.33 14.63 -0.71
N GLU B 102 19.55 13.31 -0.70
CA GLU B 102 20.65 12.72 0.05
C GLU B 102 21.92 12.81 -0.80
N THR B 103 23.06 12.78 -0.13
CA THR B 103 24.37 12.69 -0.78
C THR B 103 24.78 11.22 -0.79
N TRP B 104 24.75 10.60 -1.97
CA TRP B 104 25.04 9.16 -2.13
C TRP B 104 26.53 8.91 -2.32
N THR B 105 27.07 7.95 -1.58
CA THR B 105 28.51 7.69 -1.56
C THR B 105 28.79 6.18 -1.55
N SER B 106 30.07 5.85 -1.45
CA SER B 106 30.51 4.50 -1.14
C SER B 106 31.34 4.51 0.15
N SER B 107 30.95 5.37 1.09
CA SER B 107 31.72 5.55 2.34
C SER B 107 30.79 5.85 3.51
N SER B 108 31.38 6.22 4.65
CA SER B 108 30.61 6.64 5.82
C SER B 108 30.03 8.05 5.65
N LYS B 109 30.56 8.81 4.70
CA LYS B 109 30.01 10.13 4.34
C LYS B 109 28.63 9.99 3.72
N GLY B 110 27.76 10.94 4.03
CA GLY B 110 26.37 10.88 3.60
C GLY B 110 25.77 9.51 3.82
N TYR B 111 25.10 8.98 2.78
CA TYR B 111 24.55 7.63 2.82
C TYR B 111 25.15 6.77 1.72
N ASN B 112 25.56 5.57 2.11
CA ASN B 112 26.21 4.59 1.26
C ASN B 112 25.13 3.97 0.37
N LEU B 113 25.23 4.22 -0.94
CA LEU B 113 24.21 3.77 -1.87
C LEU B 113 24.04 2.24 -1.81
N PHE B 114 25.17 1.51 -1.83
CA PHE B 114 25.15 0.05 -1.72
C PHE B 114 24.35 -0.43 -0.52
N LEU B 115 24.62 0.14 0.66
CA LEU B 115 23.97 -0.27 1.88
C LEU B 115 22.48 0.00 1.88
N VAL B 116 22.08 1.21 1.49
CA VAL B 116 20.67 1.55 1.42
C VAL B 116 19.97 0.69 0.38
N ALA B 117 20.58 0.54 -0.79
CA ALA B 117 20.03 -0.33 -1.85
C ALA B 117 19.80 -1.77 -1.39
N ALA B 118 20.77 -2.33 -0.67
CA ALA B 118 20.63 -3.67 -0.10
C ALA B 118 19.42 -3.79 0.83
N HIS B 119 19.19 -2.78 1.64
CA HIS B 119 18.02 -2.72 2.52
C HIS B 119 16.72 -2.62 1.71
N GLU B 120 16.70 -1.71 0.75
CA GLU B 120 15.51 -1.52 -0.08
C GLU B 120 15.18 -2.75 -0.91
N PHE B 121 16.20 -3.46 -1.41
CA PHE B 121 15.97 -4.69 -2.16
C PHE B 121 15.41 -5.82 -1.28
N GLY B 122 15.72 -5.79 0.02
CA GLY B 122 15.04 -6.66 0.98
C GLY B 122 13.52 -6.48 0.96
N HIS B 123 13.07 -5.24 0.90
CA HIS B 123 11.64 -4.93 0.75
C HIS B 123 11.10 -5.44 -0.59
N SER B 124 11.83 -5.11 -1.66
CA SER B 124 11.54 -5.58 -3.01
C SER B 124 11.30 -7.08 -3.10
N LEU B 125 12.00 -7.84 -2.26
CA LEU B 125 11.93 -9.31 -2.24
C LEU B 125 10.92 -9.86 -1.24
N GLY B 126 10.38 -9.01 -0.37
CA GLY B 126 9.28 -9.38 0.52
C GLY B 126 9.54 -9.30 2.02
N LEU B 127 10.66 -8.71 2.41
CA LEU B 127 10.98 -8.52 3.83
C LEU B 127 10.50 -7.17 4.34
N ASP B 128 9.84 -7.16 5.48
CA ASP B 128 9.50 -5.91 6.14
C ASP B 128 10.67 -5.61 7.10
N HIS B 129 10.48 -4.66 8.02
CA HIS B 129 11.56 -4.29 8.95
C HIS B 129 11.76 -5.30 10.08
N SER B 130 13.01 -5.43 10.51
CA SER B 130 13.38 -6.27 11.65
C SER B 130 13.38 -5.45 12.92
N LYS B 131 13.20 -6.15 14.05
CA LYS B 131 13.33 -5.55 15.39
C LYS B 131 14.76 -5.70 15.94
N ASP B 132 15.57 -6.52 15.26
CA ASP B 132 16.97 -6.70 15.64
C ASP B 132 17.76 -5.48 15.20
N PRO B 133 18.40 -4.76 16.16
CA PRO B 133 19.11 -3.52 15.80
C PRO B 133 20.34 -3.72 14.90
N GLY B 134 20.91 -4.91 14.90
CA GLY B 134 22.08 -5.22 14.07
C GLY B 134 21.74 -5.71 12.67
N ALA B 135 20.45 -5.93 12.40
CA ALA B 135 20.01 -6.47 11.12
C ALA B 135 20.04 -5.40 10.03
N LEU B 136 20.32 -5.83 8.79
CA LEU B 136 20.24 -4.96 7.63
C LEU B 136 18.84 -4.33 7.47
N MET B 137 17.80 -5.10 7.84
CA MET B 137 16.43 -4.67 7.67
C MET B 137 15.85 -3.93 8.88
N PHE B 138 16.69 -3.64 9.87
CA PHE B 138 16.36 -2.70 10.93
C PHE B 138 16.11 -1.32 10.32
N PRO B 139 15.13 -0.55 10.83
CA PRO B 139 14.80 0.73 10.18
C PRO B 139 15.87 1.84 10.25
N ILE B 140 16.75 1.81 11.25
CA ILE B 140 17.72 2.91 11.49
C ILE B 140 19.10 2.64 10.86
N TYR B 141 19.50 3.53 9.96
CA TYR B 141 20.80 3.47 9.29
C TYR B 141 21.95 3.53 10.30
N THR B 142 22.72 2.44 10.37
CA THR B 142 23.80 2.29 11.37
C THR B 142 25.07 1.68 10.75
N TYR B 143 25.82 2.52 10.06
CA TYR B 143 27.10 2.13 9.43
C TYR B 143 28.05 1.50 10.45
N THR B 144 28.65 0.34 10.12
CA THR B 144 29.59 -0.30 11.03
C THR B 144 31.05 0.05 10.72
N GLY B 145 31.34 0.42 9.48
CA GLY B 145 32.70 0.74 9.05
C GLY B 145 33.65 -0.46 9.00
N LYS B 146 33.10 -1.67 8.94
CA LYS B 146 33.89 -2.88 8.70
C LYS B 146 34.35 -2.91 7.25
N SER B 147 35.46 -3.58 6.99
CA SER B 147 36.06 -3.57 5.66
C SER B 147 35.14 -4.19 4.60
N HIS B 148 34.67 -5.41 4.82
CA HIS B 148 33.68 -6.00 3.92
C HIS B 148 32.36 -6.32 4.61
N PHE B 149 31.32 -6.36 3.78
CA PHE B 149 29.95 -6.61 4.19
C PHE B 149 29.68 -8.08 4.45
N MET B 150 29.01 -8.35 5.57
CA MET B 150 28.47 -9.67 5.88
C MET B 150 27.01 -9.49 6.26
N LEU B 151 26.12 -10.24 5.61
CA LEU B 151 24.69 -10.13 5.85
C LEU B 151 24.38 -10.73 7.21
N PRO B 152 23.84 -9.92 8.14
CA PRO B 152 23.54 -10.46 9.48
C PRO B 152 22.60 -11.68 9.45
N ASP B 153 22.73 -12.55 10.44
CA ASP B 153 21.97 -13.81 10.46
C ASP B 153 20.44 -13.62 10.49
N ASP B 154 19.97 -12.54 11.10
CA ASP B 154 18.53 -12.27 11.10
C ASP B 154 17.98 -12.13 9.67
N ASP B 155 18.75 -11.46 8.82
CA ASP B 155 18.35 -11.21 7.43
C ASP B 155 18.46 -12.47 6.57
N VAL B 156 19.50 -13.27 6.80
CA VAL B 156 19.65 -14.57 6.16
C VAL B 156 18.43 -15.45 6.48
N GLN B 157 18.11 -15.59 7.77
CA GLN B 157 16.95 -16.37 8.20
C GLN B 157 15.65 -15.91 7.52
N GLY B 158 15.40 -14.61 7.57
CA GLY B 158 14.22 -14.02 6.96
C GLY B 158 14.06 -14.28 5.48
N ILE B 159 15.12 -14.02 4.70
CA ILE B 159 15.05 -14.21 3.25
C ILE B 159 15.00 -15.69 2.89
N GLN B 160 15.67 -16.54 3.67
CA GLN B 160 15.64 -17.97 3.43
C GLN B 160 14.28 -18.59 3.78
N SER B 161 13.54 -17.97 4.71
CA SER B 161 12.16 -18.41 5.01
C SER B 161 11.25 -18.25 3.79
N LEU B 162 11.62 -17.33 2.90
CA LEU B 162 10.87 -17.11 1.67
C LEU B 162 11.37 -17.99 0.52
N TYR B 163 12.68 -17.97 0.28
CA TYR B 163 13.24 -18.52 -0.94
C TYR B 163 14.21 -19.68 -0.74
N GLY B 164 14.40 -20.13 0.51
CA GLY B 164 15.36 -21.19 0.80
C GLY B 164 16.79 -20.74 0.62
N PRO B 165 17.75 -21.61 0.95
CA PRO B 165 19.16 -21.27 0.81
C PRO B 165 19.70 -21.43 -0.63
N GLY B 166 20.91 -20.94 -0.86
CA GLY B 166 21.59 -21.17 -2.14
C GLY B 166 21.88 -22.65 -2.35
N ASP B 167 22.02 -23.07 -3.60
CA ASP B 167 22.23 -24.49 -3.95
C ASP B 167 23.53 -25.04 -3.38
#